data_4XKL
#
_entry.id   4XKL
#
_cell.length_a   83.950
_cell.length_b   73.800
_cell.length_c   39.700
_cell.angle_alpha   90.00
_cell.angle_beta   108.49
_cell.angle_gamma   90.00
#
_symmetry.space_group_name_H-M   'C 1 2 1'
#
loop_
_entity.id
_entity.type
_entity.pdbx_description
1 polymer Ubiquitin
2 polymer 'Calcium-binding and coiled-coil domain-containing protein 2'
3 non-polymer GLYCEROL
4 non-polymer 'ACETATE ION'
5 non-polymer 'ZINC ION'
6 water water
#
loop_
_entity_poly.entity_id
_entity_poly.type
_entity_poly.pdbx_seq_one_letter_code
_entity_poly.pdbx_strand_id
1 'polypeptide(L)' GPGSMQIFVKTLTGKTITLEVEPSDTIENVKAKIQDKEGIPPDQQRLIFAGKQLEDGRTLSDYNIQKESTLHLVLRLRGG A,C
2 'polypeptide(L)' QMQPLCFNCPICDKIFPATEKQIFEDHVFCHSL B,D
#
loop_
_chem_comp.id
_chem_comp.type
_chem_comp.name
_chem_comp.formula
ACT non-polymer 'ACETATE ION' 'C2 H3 O2 -1'
GOL non-polymer GLYCEROL 'C3 H8 O3'
ZN non-polymer 'ZINC ION' 'Zn 2'
#
# COMPACT_ATOMS: atom_id res chain seq x y z
N GLY A 3 -0.72 15.62 -5.21
CA GLY A 3 -1.65 14.75 -6.00
C GLY A 3 -1.01 13.46 -6.52
N SER A 4 -0.02 13.61 -7.40
CA SER A 4 0.64 12.46 -8.01
C SER A 4 1.36 11.54 -7.00
N MET A 5 1.70 10.35 -7.46
CA MET A 5 2.34 9.34 -6.64
C MET A 5 3.07 8.39 -7.58
N GLN A 6 4.08 7.71 -7.09
CA GLN A 6 4.75 6.69 -7.89
C GLN A 6 4.20 5.29 -7.63
N ILE A 7 4.17 4.51 -8.71
CA ILE A 7 3.89 3.09 -8.65
C ILE A 7 4.99 2.40 -9.41
N PHE A 8 5.01 1.07 -9.25
CA PHE A 8 5.96 0.23 -9.92
C PHE A 8 5.21 -0.76 -10.82
N VAL A 9 5.79 -1.09 -11.96
CA VAL A 9 5.24 -2.12 -12.81
C VAL A 9 6.36 -3.14 -13.02
N LYS A 10 6.14 -4.32 -12.45
CA LYS A 10 7.10 -5.41 -12.51
C LYS A 10 6.84 -6.29 -13.73
N THR A 11 7.88 -6.76 -14.40
CA THR A 11 7.76 -7.89 -15.33
C THR A 11 7.90 -9.27 -14.65
N LEU A 12 7.50 -10.29 -15.39
CA LEU A 12 7.51 -11.66 -14.89
C LEU A 12 8.91 -12.05 -14.47
N THR A 13 9.86 -11.78 -15.36
CA THR A 13 11.21 -12.25 -15.23
C THR A 13 12.25 -11.21 -15.60
N GLY A 14 11.85 -9.98 -15.93
CA GLY A 14 12.83 -8.93 -16.11
C GLY A 14 12.86 -7.82 -15.07
N LYS A 15 13.10 -6.62 -15.57
CA LYS A 15 13.20 -5.45 -14.74
C LYS A 15 11.84 -4.92 -14.25
N THR A 16 11.91 -3.90 -13.40
CA THR A 16 10.76 -3.16 -12.91
C THR A 16 10.72 -1.75 -13.47
N ILE A 17 9.52 -1.30 -13.82
CA ILE A 17 9.25 0.05 -14.33
C ILE A 17 8.75 0.96 -13.17
N THR A 18 9.21 2.20 -13.08
CA THR A 18 8.67 3.12 -12.09
C THR A 18 7.88 4.19 -12.83
N LEU A 19 6.63 4.44 -12.42
CA LEU A 19 5.78 5.44 -13.06
C LEU A 19 5.30 6.51 -12.11
N GLU A 20 5.04 7.70 -12.65
CA GLU A 20 4.37 8.78 -11.90
C GLU A 20 2.93 9.05 -12.37
N VAL A 21 2.00 8.85 -11.43
CA VAL A 21 0.60 8.67 -11.78
C VAL A 21 -0.21 9.51 -10.80
N GLU A 22 -1.53 9.55 -11.01
CA GLU A 22 -2.47 10.06 -10.02
C GLU A 22 -3.54 9.01 -9.86
N PRO A 23 -4.27 9.02 -8.74
CA PRO A 23 -5.27 7.99 -8.50
C PRO A 23 -6.43 8.08 -9.50
N SER A 24 -6.53 9.25 -10.16
CA SER A 24 -7.56 9.50 -11.16
C SER A 24 -7.19 8.95 -12.55
N ASP A 25 -5.94 8.48 -12.68
CA ASP A 25 -5.47 7.88 -13.94
C ASP A 25 -6.18 6.56 -14.25
N THR A 26 -6.56 6.38 -15.51
CA THR A 26 -7.10 5.11 -15.96
C THR A 26 -6.00 4.12 -16.29
N ILE A 27 -6.40 2.86 -16.35
CA ILE A 27 -5.47 1.81 -16.74
C ILE A 27 -4.94 2.08 -18.15
N GLU A 28 -5.78 2.64 -19.02
CA GLU A 28 -5.36 3.01 -20.39
C GLU A 28 -4.27 4.09 -20.42
N ASN A 29 -4.41 5.08 -19.53
CA ASN A 29 -3.35 6.08 -19.31
C ASN A 29 -2.03 5.48 -18.86
N VAL A 30 -2.08 4.52 -17.91
CA VAL A 30 -0.87 3.90 -17.40
C VAL A 30 -0.15 3.14 -18.52
N LYS A 31 -0.89 2.42 -19.35
CA LYS A 31 -0.31 1.73 -20.49
C LYS A 31 0.31 2.73 -21.49
N ALA A 32 -0.31 3.90 -21.62
CA ALA A 32 0.28 4.97 -22.45
C ALA A 32 1.61 5.37 -21.85
N LYS A 33 1.69 5.43 -20.52
CA LYS A 33 2.92 5.92 -19.88
C LYS A 33 4.05 4.89 -20.02
N ILE A 34 3.70 3.61 -19.90
CA ILE A 34 4.63 2.55 -20.24
C ILE A 34 5.13 2.60 -21.71
N GLN A 35 4.20 2.78 -22.64
CA GLN A 35 4.57 3.02 -24.03
C GLN A 35 5.58 4.17 -24.22
N ASP A 36 5.37 5.26 -23.51
CA ASP A 36 6.35 6.37 -23.44
C ASP A 36 7.72 6.02 -22.89
N LYS A 37 7.76 5.23 -21.82
CA LYS A 37 9.03 4.87 -21.20
C LYS A 37 9.68 3.66 -21.82
N GLU A 38 8.90 2.74 -22.37
CA GLU A 38 9.49 1.50 -22.89
C GLU A 38 9.29 1.21 -24.37
N GLY A 39 8.44 1.97 -25.06
CA GLY A 39 8.07 1.64 -26.44
C GLY A 39 7.11 0.46 -26.68
N ILE A 40 6.40 0.01 -25.65
CA ILE A 40 5.39 -1.04 -25.82
C ILE A 40 4.01 -0.45 -26.07
N PRO A 41 3.41 -0.73 -27.25
CA PRO A 41 2.02 -0.31 -27.42
C PRO A 41 1.07 -0.93 -26.40
N PRO A 42 -0.03 -0.21 -26.11
CA PRO A 42 -0.91 -0.61 -25.03
C PRO A 42 -1.63 -1.92 -25.30
N ASP A 43 -1.84 -2.20 -26.59
CA ASP A 43 -2.52 -3.39 -26.99
C ASP A 43 -1.62 -4.63 -26.85
N GLN A 44 -0.35 -4.44 -26.49
CA GLN A 44 0.55 -5.58 -26.17
C GLN A 44 0.76 -5.78 -24.66
N GLN A 45 -0.09 -5.17 -23.85
CA GLN A 45 0.14 -5.04 -22.40
C GLN A 45 -1.09 -5.55 -21.67
N ARG A 46 -0.88 -6.49 -20.77
CA ARG A 46 -1.85 -6.80 -19.74
C ARG A 46 -1.32 -6.27 -18.42
N LEU A 47 -2.11 -5.52 -17.67
CA LEU A 47 -1.67 -5.06 -16.36
C LEU A 47 -2.45 -5.83 -15.32
N ILE A 48 -1.73 -6.26 -14.29
CA ILE A 48 -2.25 -7.16 -13.26
C ILE A 48 -2.03 -6.54 -11.89
N PHE A 49 -3.03 -6.66 -11.04
CA PHE A 49 -2.90 -6.28 -9.64
C PHE A 49 -3.86 -7.09 -8.79
N ALA A 50 -3.35 -7.60 -7.68
CA ALA A 50 -4.16 -8.38 -6.74
C ALA A 50 -5.00 -9.39 -7.49
N GLY A 51 -4.30 -10.24 -8.23
CA GLY A 51 -4.87 -11.50 -8.72
C GLY A 51 -5.87 -11.35 -9.85
N LYS A 52 -5.80 -10.24 -10.57
CA LYS A 52 -6.64 -10.04 -11.72
CA LYS A 52 -6.66 -10.01 -11.72
C LYS A 52 -6.01 -9.07 -12.74
N GLN A 53 -6.48 -9.15 -13.98
CA GLN A 53 -6.08 -8.20 -15.00
C GLN A 53 -6.98 -6.98 -14.89
N LEU A 54 -6.42 -5.81 -15.18
CA LEU A 54 -7.12 -4.56 -15.01
C LEU A 54 -7.73 -4.02 -16.31
N GLU A 55 -9.00 -3.59 -16.24
CA GLU A 55 -9.72 -3.07 -17.41
C GLU A 55 -9.36 -1.61 -17.73
N ASP A 56 -9.21 -1.32 -19.02
CA ASP A 56 -8.63 -0.06 -19.48
C ASP A 56 -9.31 1.21 -18.97
N GLY A 57 -10.65 1.25 -18.98
CA GLY A 57 -11.38 2.48 -18.72
C GLY A 57 -11.56 2.81 -17.24
N ARG A 58 -11.19 1.87 -16.38
CA ARG A 58 -11.20 2.06 -14.93
C ARG A 58 -9.92 2.71 -14.38
N THR A 59 -10.04 3.39 -13.24
CA THR A 59 -8.96 4.19 -12.66
C THR A 59 -8.20 3.40 -11.60
N LEU A 60 -7.06 3.91 -11.18
CA LEU A 60 -6.24 3.24 -10.17
C LEU A 60 -6.95 3.22 -8.84
N SER A 61 -7.59 4.35 -8.50
CA SER A 61 -8.35 4.43 -7.24
C SER A 61 -9.54 3.46 -7.24
N ASP A 62 -10.23 3.37 -8.38
CA ASP A 62 -11.18 2.29 -8.64
C ASP A 62 -10.71 0.90 -8.20
N TYR A 63 -9.43 0.59 -8.45
CA TYR A 63 -8.92 -0.74 -8.18
C TYR A 63 -8.22 -0.76 -6.81
N ASN A 64 -8.31 0.35 -6.10
CA ASN A 64 -7.65 0.50 -4.79
C ASN A 64 -6.15 0.42 -4.96
N ILE A 65 -5.66 0.97 -6.07
CA ILE A 65 -4.22 1.06 -6.30
C ILE A 65 -3.76 2.38 -5.68
N GLN A 66 -2.78 2.27 -4.81
CA GLN A 66 -2.33 3.39 -4.00
C GLN A 66 -0.83 3.68 -4.22
N LYS A 67 -0.41 4.75 -3.55
CA LYS A 67 1.01 5.08 -3.40
C LYS A 67 1.91 3.88 -3.30
N GLU A 68 2.94 3.89 -4.14
CA GLU A 68 4.03 2.91 -4.16
C GLU A 68 3.59 1.45 -4.40
N SER A 69 2.38 1.26 -4.94
CA SER A 69 1.90 -0.11 -5.23
C SER A 69 2.74 -0.72 -6.34
N THR A 70 2.82 -2.04 -6.35
CA THR A 70 3.47 -2.77 -7.44
C THR A 70 2.47 -3.59 -8.23
N LEU A 71 2.35 -3.25 -9.50
CA LEU A 71 1.59 -4.00 -10.47
C LEU A 71 2.54 -4.87 -11.32
N HIS A 72 1.95 -5.75 -12.10
CA HIS A 72 2.68 -6.66 -12.97
C HIS A 72 2.29 -6.41 -14.42
N LEU A 73 3.31 -6.41 -15.29
CA LEU A 73 3.13 -6.30 -16.74
C LEU A 73 3.41 -7.63 -17.41
N VAL A 74 2.37 -8.21 -18.02
CA VAL A 74 2.49 -9.42 -18.81
C VAL A 74 2.29 -8.97 -20.25
N LEU A 75 3.23 -9.29 -21.09
CA LEU A 75 3.22 -8.91 -22.46
C LEU A 75 2.46 -9.85 -23.38
N ARG A 76 1.86 -9.31 -24.40
CA ARG A 76 1.09 -10.06 -25.36
C ARG A 76 1.22 -9.49 -26.78
N LEU A 77 0.87 -10.28 -27.76
CA LEU A 77 0.53 -9.75 -29.04
C LEU A 77 -0.86 -9.15 -29.07
N ARG A 78 -1.09 -8.22 -29.95
CA ARG A 78 -2.40 -7.68 -30.15
C ARG A 78 -3.37 -8.80 -30.56
N GLY A 79 -4.46 -8.90 -29.87
CA GLY A 79 -5.42 -9.94 -30.09
C GLY A 79 -6.40 -8.91 -30.37
N GLY A 80 -7.50 -9.21 -31.04
CA GLY A 80 -8.42 -8.20 -31.51
C GLY A 80 -8.90 -7.09 -30.60
N PRO B 4 9.75 -18.56 6.52
CA PRO B 4 10.98 -18.45 5.74
C PRO B 4 11.28 -17.01 5.36
N LEU B 5 12.55 -16.63 5.33
CA LEU B 5 12.91 -15.29 4.85
C LEU B 5 12.38 -15.07 3.43
N CYS B 6 12.61 -16.03 2.54
CA CYS B 6 12.27 -15.89 1.12
C CYS B 6 11.35 -16.97 0.60
N PHE B 7 10.58 -16.62 -0.43
CA PHE B 7 9.80 -17.58 -1.21
C PHE B 7 10.50 -17.78 -2.52
N ASN B 8 10.26 -18.96 -3.08
CA ASN B 8 10.73 -19.33 -4.40
C ASN B 8 9.53 -19.59 -5.31
N CYS B 9 9.50 -18.96 -6.48
CA CYS B 9 8.44 -19.30 -7.44
C CYS B 9 8.53 -20.77 -7.82
N PRO B 10 7.42 -21.51 -7.68
CA PRO B 10 7.50 -22.92 -8.02
C PRO B 10 7.56 -23.19 -9.53
N ILE B 11 7.62 -22.15 -10.36
CA ILE B 11 7.54 -22.37 -11.80
C ILE B 11 8.82 -21.94 -12.49
N CYS B 12 9.37 -20.83 -12.04
CA CYS B 12 10.54 -20.24 -12.68
C CYS B 12 11.78 -20.14 -11.75
N ASP B 13 11.60 -20.45 -10.47
CA ASP B 13 12.68 -20.39 -9.48
C ASP B 13 13.19 -18.98 -9.15
N LYS B 14 12.38 -17.98 -9.42
CA LYS B 14 12.69 -16.63 -8.97
C LYS B 14 12.46 -16.59 -7.45
N ILE B 15 13.32 -15.83 -6.76
CA ILE B 15 13.24 -15.66 -5.32
C ILE B 15 12.66 -14.28 -4.90
N PHE B 16 11.70 -14.36 -3.99
CA PHE B 16 11.00 -13.17 -3.51
C PHE B 16 11.12 -13.12 -1.99
N PRO B 17 11.29 -11.91 -1.44
CA PRO B 17 11.27 -11.81 0.01
C PRO B 17 9.88 -12.13 0.48
N ALA B 18 9.78 -12.89 1.56
CA ALA B 18 8.48 -13.23 2.11
C ALA B 18 7.67 -12.02 2.54
N THR B 19 8.30 -10.88 2.80
CA THR B 19 7.56 -9.70 3.27
C THR B 19 6.66 -9.06 2.22
N GLU B 20 6.89 -9.33 0.94
CA GLU B 20 6.09 -8.73 -0.10
C GLU B 20 5.24 -9.80 -0.77
N LYS B 21 4.12 -10.10 -0.12
CA LYS B 21 3.39 -11.34 -0.40
C LYS B 21 2.44 -11.18 -1.55
N GLN B 22 1.78 -10.03 -1.65
CA GLN B 22 0.92 -9.74 -2.82
C GLN B 22 1.76 -9.75 -4.09
N ILE B 23 2.96 -9.20 -4.03
CA ILE B 23 3.75 -9.13 -5.26
C ILE B 23 4.18 -10.51 -5.74
N PHE B 24 4.61 -11.34 -4.79
CA PHE B 24 4.92 -12.74 -5.12
C PHE B 24 3.71 -13.47 -5.71
N GLU B 25 2.57 -13.41 -5.01
CA GLU B 25 1.35 -14.11 -5.45
C GLU B 25 0.94 -13.66 -6.83
N ASP B 26 1.05 -12.35 -7.11
CA ASP B 26 0.74 -11.84 -8.44
C ASP B 26 1.68 -12.39 -9.50
N HIS B 27 2.97 -12.45 -9.19
CA HIS B 27 3.97 -13.06 -10.04
C HIS B 27 3.57 -14.49 -10.42
N VAL B 28 3.21 -15.30 -9.43
CA VAL B 28 2.84 -16.67 -9.69
C VAL B 28 1.58 -16.77 -10.53
N PHE B 29 0.58 -15.94 -10.21
CA PHE B 29 -0.61 -15.76 -11.04
C PHE B 29 -0.25 -15.44 -12.49
N CYS B 30 0.69 -14.52 -12.73
CA CYS B 30 1.02 -14.11 -14.12
C CYS B 30 1.53 -15.23 -15.02
N HIS B 31 2.03 -16.31 -14.41
CA HIS B 31 2.42 -17.51 -15.16
C HIS B 31 1.23 -18.16 -15.89
N SER B 32 0.04 -17.95 -15.35
CA SER B 32 -1.17 -18.60 -15.88
CA SER B 32 -1.19 -18.59 -15.86
C SER B 32 -1.66 -17.90 -17.14
N LEU B 33 -1.04 -16.77 -17.48
CA LEU B 33 -1.61 -15.85 -18.47
C LEU B 33 -0.85 -15.80 -19.80
N GLY C 3 17.55 -1.35 21.11
CA GLY C 3 16.68 -2.14 20.18
C GLY C 3 15.23 -1.69 20.10
N SER C 4 14.49 -1.80 21.20
CA SER C 4 13.09 -1.41 21.23
C SER C 4 12.83 0.06 20.92
N MET C 5 11.56 0.39 20.68
CA MET C 5 11.12 1.78 20.50
C MET C 5 9.60 1.89 20.60
N GLN C 6 9.11 3.07 20.97
CA GLN C 6 7.67 3.35 20.97
C GLN C 6 7.20 4.07 19.69
N ILE C 7 5.98 3.72 19.30
CA ILE C 7 5.27 4.40 18.23
C ILE C 7 3.87 4.73 18.71
N PHE C 8 3.23 5.61 17.95
CA PHE C 8 1.91 6.08 18.28
C PHE C 8 0.94 5.68 17.15
N VAL C 9 -0.23 5.23 17.55
CA VAL C 9 -1.28 4.86 16.61
C VAL C 9 -2.47 5.73 16.93
N LYS C 10 -2.70 6.74 16.11
CA LYS C 10 -3.82 7.61 16.32
C LYS C 10 -5.06 6.97 15.75
N THR C 11 -6.21 7.24 16.36
CA THR C 11 -7.48 7.06 15.71
C THR C 11 -7.96 8.34 15.03
N LEU C 12 -8.97 8.15 14.19
CA LEU C 12 -9.46 9.22 13.36
C LEU C 12 -10.00 10.29 14.29
N THR C 13 -10.79 9.85 15.27
CA THR C 13 -11.55 10.77 16.06
C THR C 13 -11.50 10.44 17.53
N GLY C 14 -10.70 9.44 17.93
CA GLY C 14 -10.60 9.08 19.35
C GLY C 14 -9.21 9.19 19.94
N LYS C 15 -8.84 8.23 20.78
CA LYS C 15 -7.62 8.33 21.55
C LYS C 15 -6.42 8.00 20.68
N THR C 16 -5.24 8.13 21.26
CA THR C 16 -4.00 7.61 20.70
C THR C 16 -3.50 6.44 21.54
N ILE C 17 -3.01 5.40 20.88
CA ILE C 17 -2.43 4.32 21.64
C ILE C 17 -0.93 4.32 21.41
N THR C 18 -0.22 3.93 22.45
CA THR C 18 1.22 3.92 22.39
C THR C 18 1.66 2.48 22.38
N LEU C 19 2.58 2.14 21.50
CA LEU C 19 3.05 0.77 21.43
C LEU C 19 4.55 0.72 21.65
N GLU C 20 4.99 -0.43 22.16
CA GLU C 20 6.40 -0.74 22.23
CA GLU C 20 6.41 -0.77 22.23
C GLU C 20 6.74 -1.80 21.17
N VAL C 21 7.62 -1.44 20.23
CA VAL C 21 7.86 -2.23 19.02
C VAL C 21 9.37 -2.32 18.76
N GLU C 22 9.76 -3.08 17.72
CA GLU C 22 11.10 -2.97 17.15
C GLU C 22 10.96 -2.75 15.66
N PRO C 23 12.05 -2.30 15.00
CA PRO C 23 11.94 -1.90 13.59
C PRO C 23 11.69 -3.09 12.67
N SER C 24 12.03 -4.26 13.20
CA SER C 24 11.92 -5.52 12.45
C SER C 24 10.52 -6.14 12.59
N ASP C 25 9.67 -5.51 13.39
CA ASP C 25 8.26 -5.91 13.53
C ASP C 25 7.48 -5.71 12.24
N THR C 26 6.68 -6.70 11.87
CA THR C 26 5.76 -6.55 10.76
C THR C 26 4.53 -5.75 11.18
N ILE C 27 3.84 -5.26 10.16
CA ILE C 27 2.55 -4.62 10.35
C ILE C 27 1.58 -5.57 11.03
N GLU C 28 1.63 -6.82 10.62
CA GLU C 28 0.81 -7.85 11.25
C GLU C 28 1.04 -7.89 12.76
N ASN C 29 2.30 -7.86 13.16
CA ASN C 29 2.67 -7.85 14.58
C ASN C 29 2.09 -6.64 15.31
N VAL C 30 2.18 -5.46 14.68
CA VAL C 30 1.63 -4.27 15.28
C VAL C 30 0.13 -4.33 15.48
N LYS C 31 -0.57 -4.93 14.54
CA LYS C 31 -2.01 -5.16 14.69
C LYS C 31 -2.24 -6.09 15.87
N ALA C 32 -1.40 -7.10 15.98
CA ALA C 32 -1.51 -8.05 17.08
C ALA C 32 -1.36 -7.34 18.42
N LYS C 33 -0.47 -6.36 18.47
CA LYS C 33 -0.23 -5.66 19.73
C LYS C 33 -1.40 -4.74 20.05
N ILE C 34 -2.04 -4.19 19.03
CA ILE C 34 -3.26 -3.39 19.23
C ILE C 34 -4.42 -4.26 19.73
N GLN C 35 -4.55 -5.43 19.17
CA GLN C 35 -5.53 -6.40 19.69
C GLN C 35 -5.32 -6.65 21.17
N ASP C 36 -4.08 -6.84 21.59
CA ASP C 36 -3.76 -7.07 22.99
CA ASP C 36 -3.77 -7.08 23.00
C ASP C 36 -4.23 -5.93 23.89
N LYS C 37 -3.97 -4.69 23.46
CA LYS C 37 -4.26 -3.53 24.28
C LYS C 37 -5.70 -3.02 24.13
N GLU C 38 -6.34 -3.24 22.99
CA GLU C 38 -7.66 -2.64 22.76
C GLU C 38 -8.76 -3.60 22.32
N GLY C 39 -8.42 -4.87 22.12
CA GLY C 39 -9.41 -5.92 21.83
C GLY C 39 -9.93 -5.96 20.39
N ILE C 40 -9.18 -5.36 19.47
CA ILE C 40 -9.65 -5.21 18.09
C ILE C 40 -8.90 -6.24 17.28
N PRO C 41 -9.62 -7.23 16.75
CA PRO C 41 -8.89 -8.24 15.97
C PRO C 41 -8.23 -7.58 14.79
N PRO C 42 -7.11 -8.13 14.33
CA PRO C 42 -6.34 -7.56 13.23
C PRO C 42 -7.17 -7.40 11.95
N ASP C 43 -8.12 -8.30 11.75
CA ASP C 43 -8.96 -8.27 10.54
C ASP C 43 -9.85 -7.03 10.51
N GLN C 44 -10.02 -6.39 11.66
CA GLN C 44 -10.85 -5.20 11.78
C GLN C 44 -10.05 -3.89 11.67
N GLN C 45 -8.76 -3.99 11.34
CA GLN C 45 -7.81 -2.88 11.45
C GLN C 45 -7.22 -2.62 10.09
N ARG C 46 -7.30 -1.37 9.66
CA ARG C 46 -6.42 -0.83 8.64
C ARG C 46 -5.38 0.09 9.30
N LEU C 47 -4.11 -0.18 9.08
CA LEU C 47 -3.07 0.75 9.50
C LEU C 47 -2.57 1.58 8.33
N ILE C 48 -2.37 2.86 8.63
CA ILE C 48 -1.99 3.84 7.64
C ILE C 48 -0.71 4.57 8.07
N PHE C 49 0.19 4.84 7.12
CA PHE C 49 1.34 5.71 7.34
C PHE C 49 1.84 6.35 6.06
N ALA C 50 2.08 7.66 6.10
CA ALA C 50 2.50 8.41 4.92
C ALA C 50 1.63 7.99 3.71
N GLY C 51 0.33 8.19 3.91
CA GLY C 51 -0.63 8.31 2.80
C GLY C 51 -0.91 6.98 2.14
N LYS C 52 -0.65 5.90 2.85
CA LYS C 52 -1.03 4.61 2.34
CA LYS C 52 -1.07 4.63 2.34
C LYS C 52 -1.42 3.65 3.46
N GLN C 53 -2.24 2.68 3.10
CA GLN C 53 -2.49 1.58 3.98
C GLN C 53 -1.30 0.64 3.89
N LEU C 54 -0.93 0.04 5.01
CA LEU C 54 0.24 -0.78 5.16
C LEU C 54 -0.12 -2.26 5.04
N GLU C 55 0.71 -2.97 4.28
CA GLU C 55 0.60 -4.42 4.13
C GLU C 55 1.10 -5.19 5.38
N ASP C 56 0.43 -6.30 5.64
CA ASP C 56 0.73 -7.09 6.82
C ASP C 56 2.15 -7.62 6.95
N GLY C 57 2.68 -8.24 5.90
CA GLY C 57 3.99 -8.91 5.98
C GLY C 57 5.20 -8.00 5.96
N ARG C 58 4.98 -6.73 5.60
CA ARG C 58 6.05 -5.75 5.61
C ARG C 58 6.37 -5.17 6.99
N THR C 59 7.62 -4.71 7.14
CA THR C 59 8.15 -4.34 8.44
C THR C 59 8.14 -2.85 8.57
N LEU C 60 8.29 -2.40 9.81
CA LEU C 60 8.19 -0.97 10.09
C LEU C 60 9.39 -0.23 9.43
N SER C 61 10.56 -0.86 9.50
CA SER C 61 11.74 -0.38 8.80
C SER C 61 11.50 -0.25 7.30
N ASP C 62 10.90 -1.27 6.71
CA ASP C 62 10.34 -1.23 5.35
C ASP C 62 9.54 0.02 5.02
N TYR C 63 8.72 0.47 5.96
CA TYR C 63 7.80 1.57 5.68
C TYR C 63 8.37 2.89 6.18
N ASN C 64 9.65 2.85 6.57
CA ASN C 64 10.32 4.03 7.10
C ASN C 64 9.62 4.51 8.36
N ILE C 65 9.15 3.55 9.15
CA ILE C 65 8.57 3.86 10.45
C ILE C 65 9.67 3.71 11.48
N GLN C 66 9.89 4.74 12.27
CA GLN C 66 10.93 4.76 13.27
C GLN C 66 10.41 5.15 14.64
N LYS C 67 11.32 5.20 15.61
CA LYS C 67 11.06 5.74 16.94
C LYS C 67 10.19 6.99 16.95
N GLU C 68 9.09 6.87 17.68
CA GLU C 68 8.09 7.93 17.84
C GLU C 68 7.36 8.38 16.59
N SER C 69 7.38 7.56 15.55
CA SER C 69 6.49 7.79 14.39
C SER C 69 5.02 7.67 14.78
N THR C 70 4.17 8.41 14.06
CA THR C 70 2.72 8.29 14.24
C THR C 70 2.02 7.67 13.05
N LEU C 71 1.43 6.51 13.31
CA LEU C 71 0.50 5.89 12.38
C LEU C 71 -0.97 6.18 12.73
N HIS C 72 -1.85 5.78 11.82
CA HIS C 72 -3.27 5.95 12.02
C HIS C 72 -3.94 4.60 11.95
N LEU C 73 -4.97 4.45 12.75
CA LEU C 73 -5.84 3.28 12.76
C LEU C 73 -7.27 3.65 12.33
N VAL C 74 -7.70 3.09 11.22
CA VAL C 74 -9.07 3.09 10.76
C VAL C 74 -9.65 1.70 11.00
N LEU C 75 -10.88 1.63 11.50
CA LEU C 75 -11.51 0.35 11.84
C LEU C 75 -12.43 -0.10 10.74
N ARG C 76 -12.55 -1.41 10.61
CA ARG C 76 -13.47 -1.98 9.63
CA ARG C 76 -13.43 -2.01 9.60
C ARG C 76 -14.15 -3.22 10.19
N LEU C 77 -15.21 -3.67 9.52
CA LEU C 77 -15.86 -4.93 9.88
C LEU C 77 -15.01 -6.04 9.30
N ARG C 78 -15.18 -7.25 9.82
CA ARG C 78 -14.43 -8.40 9.28
C ARG C 78 -14.54 -8.53 7.75
N GLY C 79 -13.39 -8.70 7.11
CA GLY C 79 -13.23 -8.39 5.69
C GLY C 79 -14.23 -9.13 4.81
N GLY C 80 -14.93 -8.38 3.96
CA GLY C 80 -15.80 -8.97 2.96
C GLY C 80 -17.26 -8.58 3.14
N GLN D 3 3.25 29.95 7.79
CA GLN D 3 3.16 30.61 9.13
C GLN D 3 1.83 30.39 9.91
N PRO D 4 1.12 29.26 9.71
CA PRO D 4 0.07 29.00 10.70
C PRO D 4 0.54 28.11 11.86
N LEU D 5 0.06 28.41 13.07
CA LEU D 5 0.33 27.61 14.26
C LEU D 5 -0.32 26.21 14.19
N CYS D 6 -1.62 26.18 13.92
CA CYS D 6 -2.34 24.92 13.76
C CYS D 6 -3.11 24.81 12.45
N PHE D 7 -3.27 23.57 11.99
CA PHE D 7 -4.26 23.20 10.97
C PHE D 7 -5.56 22.69 11.62
N ASN D 8 -6.67 22.82 10.91
CA ASN D 8 -7.82 21.98 11.21
C ASN D 8 -8.30 21.11 10.03
N CYS D 9 -8.76 19.91 10.36
CA CYS D 9 -9.35 19.01 9.37
C CYS D 9 -10.71 19.55 8.89
N PRO D 10 -10.89 19.66 7.57
CA PRO D 10 -12.11 20.22 7.02
C PRO D 10 -13.30 19.26 7.02
N ILE D 11 -13.13 18.07 7.60
CA ILE D 11 -14.19 17.07 7.51
C ILE D 11 -14.80 16.90 8.88
N CYS D 12 -13.96 16.96 9.92
CA CYS D 12 -14.40 16.69 11.29
C CYS D 12 -14.06 17.78 12.32
N ASP D 13 -13.25 18.74 11.87
CA ASP D 13 -12.86 19.89 12.68
C ASP D 13 -11.90 19.58 13.83
N LYS D 14 -11.14 18.52 13.67
CA LYS D 14 -10.01 18.29 14.55
C LYS D 14 -8.85 19.24 14.25
N ILE D 15 -8.15 19.67 15.31
CA ILE D 15 -7.00 20.58 15.18
C ILE D 15 -5.68 19.82 15.32
N PHE D 16 -4.74 20.17 14.45
CA PHE D 16 -3.41 19.58 14.48
C PHE D 16 -2.38 20.70 14.50
N PRO D 17 -1.30 20.51 15.24
CA PRO D 17 -0.20 21.47 15.21
C PRO D 17 0.52 21.36 13.89
N ALA D 18 0.81 22.51 13.30
CA ALA D 18 1.51 22.58 12.02
C ALA D 18 2.87 21.87 11.96
N THR D 19 3.48 21.62 13.11
CA THR D 19 4.76 20.91 13.14
C THR D 19 4.66 19.48 12.61
N GLU D 20 3.46 18.89 12.60
CA GLU D 20 3.28 17.52 12.09
C GLU D 20 2.39 17.47 10.83
N LYS D 21 3.04 17.59 9.67
CA LYS D 21 2.36 17.65 8.37
C LYS D 21 1.91 16.26 7.95
N GLN D 22 2.80 15.29 8.09
CA GLN D 22 2.50 13.93 7.69
C GLN D 22 1.33 13.37 8.54
N ILE D 23 1.31 13.67 9.84
CA ILE D 23 0.23 13.15 10.70
C ILE D 23 -1.14 13.72 10.34
N PHE D 24 -1.20 15.03 10.07
CA PHE D 24 -2.42 15.68 9.62
C PHE D 24 -2.91 15.11 8.31
N GLU D 25 -2.02 15.09 7.33
CA GLU D 25 -2.34 14.62 5.99
C GLU D 25 -2.83 13.18 6.02
N ASP D 26 -2.22 12.37 6.88
CA ASP D 26 -2.70 11.01 7.07
C ASP D 26 -4.11 10.94 7.65
N HIS D 27 -4.33 11.75 8.69
CA HIS D 27 -5.67 11.92 9.23
C HIS D 27 -6.69 12.21 8.12
N VAL D 28 -6.47 13.25 7.30
CA VAL D 28 -7.38 13.61 6.24
C VAL D 28 -7.57 12.47 5.23
N PHE D 29 -6.48 11.78 4.90
CA PHE D 29 -6.45 10.54 4.09
C PHE D 29 -7.30 9.40 4.67
N CYS D 30 -7.27 9.25 5.99
CA CYS D 30 -8.07 8.21 6.63
C CYS D 30 -9.58 8.41 6.49
N HIS D 31 -10.04 9.65 6.34
CA HIS D 31 -11.44 9.93 6.03
C HIS D 31 -11.94 9.21 4.77
N SER D 32 -11.03 8.96 3.83
CA SER D 32 -11.40 8.38 2.54
CA SER D 32 -11.37 8.39 2.54
C SER D 32 -11.63 6.87 2.58
N LEU D 33 -11.22 6.22 3.68
CA LEU D 33 -11.26 4.76 3.80
C LEU D 33 -12.44 4.21 4.63
C1 GOL E . 6.48 -11.51 -19.91
O1 GOL E . 5.08 -11.37 -19.96
C2 GOL E . 7.04 -10.28 -19.19
O2 GOL E . 6.44 -10.09 -17.89
C3 GOL E . 8.57 -10.40 -19.22
O3 GOL E . 9.08 -11.20 -18.13
C ACT F . -4.99 -10.69 2.19
O ACT F . -5.29 -11.56 1.35
OXT ACT F . -3.84 -10.65 2.67
CH3 ACT F . -6.03 -9.71 2.66
C ACT G . 15.92 -14.70 -8.40
O ACT G . 15.57 -13.50 -8.34
OXT ACT G . 15.39 -15.57 -7.68
CH3 ACT G . 16.95 -15.17 -9.40
ZN ZN H . 7.99 -17.47 -11.61
C1 GOL I . -12.29 5.10 12.80
O1 GOL I . -12.04 4.17 11.75
C2 GOL I . -11.33 4.85 13.96
O2 GOL I . -10.09 5.60 13.79
C3 GOL I . -12.06 5.16 15.26
O3 GOL I . -12.05 6.58 15.56
C ACT J . -5.29 10.57 23.56
O ACT J . -4.58 11.03 22.64
OXT ACT J . -5.26 9.35 23.87
CH3 ACT J . -6.25 11.48 24.26
C ACT K . -3.12 21.29 19.55
O ACT K . -3.17 22.26 18.75
OXT ACT K . -2.15 20.53 19.57
CH3 ACT K . -4.23 21.15 20.55
ZN ZN L . -10.91 14.89 10.35
#